data_8CBW
#
_entry.id   8CBW
#
_cell.length_a   1.00
_cell.length_b   1.00
_cell.length_c   1.00
_cell.angle_alpha   90.00
_cell.angle_beta   90.00
_cell.angle_gamma   90.00
#
_symmetry.space_group_name_H-M   'P 1'
#
loop_
_entity.id
_entity.type
_entity.pdbx_description
1 polymer Nucleocapsid
2 polymer "RNA (5'-R(P*UP*UP*UP*UP*UP*U)-3')"
#
loop_
_entity_poly.entity_id
_entity_poly.type
_entity_poly.pdbx_seq_one_letter_code
_entity_poly.pdbx_strand_id
1 'polypeptide(L)'
;MSDIFDEAASFRSYQSKLGRDGRASAATATLTTKIRIFVPATNSPELRWELTLFALDVIRSPSAAESMKIGAAFTLISMY
SERPGALIRSLLNDPDIEAVIIDVGSMLNGIPVMERRGDKAQEEMEGLMRILKTARESSKGKTPFVDSRAYGLRITDMST
LVSAVITIEAQIWILIAKAVTAPDTAEESETRRWAKYVQQKRVNPFFALTQQWLTEMRNLLSQSLSVRKFMVEILMEVKK
GGSAKGRAVEIISDIGNYVEETGMAGFFATIRFGLETRYPALALNEFQSDLNTIKGLMLLYREIGPRAPYMVLLEESIQT
KFAPGGYPLLWSFAMGVATTIDRSMGALNINRGYLEPMYFRLGQKSARHHAGGIDQNMANKLGLNSDQVAELAAAVQETS
VGRQDNNMQAREAKFAAGGVLVGGGEQDIDEEEEPIEHSGRQSVTFKREMSMSSLADSVPSSSVSTSGGTRLTNSLLNLR
SRLAAKAIKESTAQSSSERNPPNNRPQADSGRKDDQEPKPAQNDLDFVRADV
;
A
2 'polyribonucleotide' UUUUUU 1
#
loop_
_chem_comp.id
_chem_comp.type
_chem_comp.name
_chem_comp.formula
U RNA linking URIDINE-5'-MONOPHOSPHATE 'C9 H13 N2 O9 P'
#
# COMPACT_ATOMS: atom_id res chain seq x y z
N MET A 1 -37.97 -25.52 15.16
CA MET A 1 -38.59 -26.09 13.97
C MET A 1 -37.96 -25.53 12.69
N SER A 2 -38.78 -25.37 11.66
CA SER A 2 -38.26 -24.85 10.39
C SER A 2 -37.89 -23.38 10.50
N ASP A 3 -38.67 -22.60 11.26
CA ASP A 3 -38.45 -21.16 11.32
C ASP A 3 -37.07 -20.85 11.90
N ILE A 4 -36.72 -21.51 13.00
CA ILE A 4 -35.42 -21.28 13.61
C ILE A 4 -34.32 -21.78 12.68
N PHE A 5 -33.09 -21.28 12.90
CA PHE A 5 -31.90 -21.46 12.07
C PHE A 5 -31.95 -20.61 10.80
N ASP A 6 -33.07 -19.95 10.53
CA ASP A 6 -33.16 -18.90 9.52
C ASP A 6 -33.31 -17.54 10.15
N GLU A 7 -34.11 -17.44 11.23
CA GLU A 7 -34.09 -16.25 12.07
C GLU A 7 -32.68 -15.97 12.56
N ALA A 8 -31.89 -17.02 12.82
CA ALA A 8 -30.51 -16.83 13.21
C ALA A 8 -29.69 -16.18 12.10
N ALA A 9 -29.87 -16.62 10.86
CA ALA A 9 -29.15 -16.03 9.74
C ALA A 9 -29.54 -14.57 9.57
N SER A 10 -30.83 -14.27 9.66
CA SER A 10 -31.28 -12.89 9.58
C SER A 10 -30.71 -12.05 10.72
N PHE A 11 -30.65 -12.63 11.92
CA PHE A 11 -30.11 -11.92 13.07
C PHE A 11 -28.64 -11.59 12.88
N ARG A 12 -27.85 -12.55 12.39
CA ARG A 12 -26.44 -12.27 12.15
C ARG A 12 -26.25 -11.26 11.03
N SER A 13 -27.07 -11.34 9.97
CA SER A 13 -26.98 -10.37 8.89
C SER A 13 -27.30 -8.96 9.38
N TYR A 14 -28.32 -8.83 10.24
CA TYR A 14 -28.68 -7.52 10.78
C TYR A 14 -27.62 -7.03 11.77
N GLN A 15 -27.01 -7.96 12.52
CA GLN A 15 -25.99 -7.57 13.48
C GLN A 15 -24.72 -7.09 12.78
N SER A 16 -24.41 -7.65 11.61
CA SER A 16 -23.24 -7.20 10.87
C SER A 16 -23.38 -5.73 10.49
N LYS A 17 -24.49 -5.36 9.86
CA LYS A 17 -24.79 -3.96 9.54
C LYS A 17 -25.70 -3.35 10.60
N LEU A 18 -25.20 -3.35 11.84
CA LEU A 18 -26.03 -2.96 12.99
C LEU A 18 -26.22 -1.45 13.04
N GLY A 19 -25.15 -0.70 13.24
CA GLY A 19 -25.27 0.74 13.41
C GLY A 19 -24.56 1.54 12.33
N ARG A 20 -24.14 0.86 11.26
CA ARG A 20 -23.43 1.52 10.17
C ARG A 20 -24.42 2.11 9.16
N ASP A 21 -25.21 3.07 9.65
CA ASP A 21 -26.21 3.75 8.84
C ASP A 21 -26.33 5.18 9.31
N GLY A 22 -26.79 6.05 8.40
CA GLY A 22 -26.96 7.45 8.70
C GLY A 22 -25.71 8.26 8.43
N ARG A 23 -25.79 9.53 8.82
CA ARG A 23 -24.70 10.48 8.63
C ARG A 23 -24.26 11.03 9.98
N ALA A 24 -22.95 11.12 10.18
CA ALA A 24 -22.41 11.64 11.42
C ALA A 24 -22.46 13.16 11.44
N SER A 25 -22.22 13.72 12.62
CA SER A 25 -22.24 15.17 12.81
C SER A 25 -20.82 15.74 12.69
N ALA A 26 -20.75 17.06 12.63
CA ALA A 26 -19.48 17.77 12.54
C ALA A 26 -18.85 18.02 13.90
N ALA A 27 -19.50 17.61 14.99
CA ALA A 27 -18.93 17.80 16.31
C ALA A 27 -17.63 17.01 16.48
N THR A 28 -17.59 15.80 15.95
CA THR A 28 -16.39 14.96 16.03
C THR A 28 -15.42 15.35 14.92
N ALA A 29 -14.83 16.53 15.09
CA ALA A 29 -13.88 17.07 14.12
C ALA A 29 -12.48 17.02 14.73
N THR A 30 -11.58 16.32 14.06
CA THR A 30 -10.21 16.18 14.55
C THR A 30 -9.47 17.51 14.45
N LEU A 31 -8.58 17.75 15.42
CA LEU A 31 -7.74 18.93 15.37
C LEU A 31 -6.78 18.84 14.18
N THR A 32 -6.63 19.94 13.46
CA THR A 32 -5.85 19.97 12.24
C THR A 32 -4.46 20.53 12.49
N THR A 33 -3.48 19.99 11.78
CA THR A 33 -2.09 20.41 11.87
C THR A 33 -1.67 21.06 10.56
N LYS A 34 -1.01 22.21 10.66
CA LYS A 34 -0.54 22.90 9.46
C LYS A 34 0.67 22.18 8.87
N ILE A 35 0.62 21.92 7.58
CA ILE A 35 1.69 21.22 6.86
C ILE A 35 2.14 22.09 5.70
N ARG A 36 3.42 22.43 5.68
CA ARG A 36 3.97 23.32 4.66
C ARG A 36 4.57 22.48 3.54
N ILE A 37 4.07 22.69 2.32
CA ILE A 37 4.48 21.92 1.15
C ILE A 37 5.15 22.86 0.16
N PHE A 38 6.36 22.49 -0.26
CA PHE A 38 7.13 23.28 -1.23
C PHE A 38 6.94 22.66 -2.61
N VAL A 39 6.17 23.33 -3.47
CA VAL A 39 5.93 22.82 -4.82
C VAL A 39 6.67 23.71 -5.83
N PRO A 40 7.14 23.15 -6.94
CA PRO A 40 7.80 23.99 -7.95
C PRO A 40 6.81 24.88 -8.67
N ALA A 41 7.13 26.17 -8.73
CA ALA A 41 6.23 27.13 -9.39
C ALA A 41 6.32 27.02 -10.91
N THR A 42 7.51 26.80 -11.46
CA THR A 42 7.74 26.78 -12.89
C THR A 42 8.04 25.35 -13.35
N ASN A 43 8.34 25.22 -14.64
CA ASN A 43 8.65 23.93 -15.26
C ASN A 43 10.12 23.80 -15.62
N SER A 44 10.96 24.71 -15.18
CA SER A 44 12.38 24.64 -15.51
C SER A 44 13.01 23.41 -14.87
N PRO A 45 13.72 22.57 -15.64
CA PRO A 45 14.24 21.32 -15.07
C PRO A 45 15.21 21.51 -13.92
N GLU A 46 16.05 22.56 -13.97
CA GLU A 46 17.03 22.76 -12.92
C GLU A 46 16.36 23.06 -11.59
N LEU A 47 15.31 23.88 -11.60
CA LEU A 47 14.61 24.20 -10.37
C LEU A 47 13.96 22.96 -9.76
N ARG A 48 13.33 22.13 -10.60
CA ARG A 48 12.69 20.92 -10.10
C ARG A 48 13.72 19.93 -9.56
N TRP A 49 14.87 19.82 -10.25
CA TRP A 49 15.92 18.92 -9.76
C TRP A 49 16.47 19.39 -8.42
N GLU A 50 16.70 20.70 -8.28
CA GLU A 50 17.16 21.21 -7.00
C GLU A 50 16.12 21.00 -5.91
N LEU A 51 14.84 21.17 -6.26
CA LEU A 51 13.77 20.98 -5.29
C LEU A 51 13.70 19.53 -4.82
N THR A 52 13.81 18.57 -5.74
CA THR A 52 13.73 17.18 -5.32
C THR A 52 15.00 16.75 -4.56
N LEU A 53 16.16 17.34 -4.89
CA LEU A 53 17.35 17.11 -4.08
C LEU A 53 17.14 17.63 -2.66
N PHE A 54 16.56 18.83 -2.54
CA PHE A 54 16.27 19.37 -1.22
C PHE A 54 15.30 18.49 -0.45
N ALA A 55 14.26 17.99 -1.13
CA ALA A 55 13.30 17.12 -0.46
C ALA A 55 13.95 15.82 -0.01
N LEU A 56 14.83 15.25 -0.83
CA LEU A 56 15.57 14.06 -0.42
C LEU A 56 16.42 14.34 0.81
N ASP A 57 17.10 15.49 0.82
CA ASP A 57 17.92 15.84 1.98
C ASP A 57 17.07 16.00 3.23
N VAL A 58 15.92 16.66 3.10
CA VAL A 58 15.04 16.89 4.25
C VAL A 58 14.52 15.56 4.80
N ILE A 59 14.11 14.66 3.89
CA ILE A 59 13.63 13.35 4.35
C ILE A 59 14.74 12.58 5.04
N ARG A 60 15.96 12.62 4.47
CA ARG A 60 17.10 11.96 5.11
C ARG A 60 17.53 12.66 6.39
N SER A 61 17.17 13.93 6.56
CA SER A 61 17.65 14.70 7.72
C SER A 61 17.10 14.10 9.01
N PRO A 62 17.94 13.91 10.03
CA PRO A 62 17.42 13.41 11.32
C PRO A 62 16.86 14.49 12.22
N SER A 63 17.31 15.74 12.07
CA SER A 63 16.82 16.83 12.89
C SER A 63 15.54 17.45 12.35
N ALA A 64 15.03 16.97 11.22
CA ALA A 64 13.82 17.54 10.63
C ALA A 64 12.60 17.19 11.46
N ALA A 65 11.71 18.16 11.62
CA ALA A 65 10.44 17.91 12.29
C ALA A 65 9.55 17.05 11.40
N GLU A 66 8.56 16.40 12.04
CA GLU A 66 7.69 15.49 11.29
C GLU A 66 6.90 16.24 10.22
N SER A 67 6.42 17.44 10.54
CA SER A 67 5.67 18.22 9.56
C SER A 67 6.52 18.54 8.34
N MET A 68 7.78 18.90 8.56
CA MET A 68 8.69 19.15 7.43
C MET A 68 8.90 17.88 6.60
N LYS A 69 9.00 16.73 7.26
CA LYS A 69 9.16 15.48 6.54
C LYS A 69 7.93 15.17 5.69
N ILE A 70 6.73 15.42 6.22
CA ILE A 70 5.52 15.20 5.44
C ILE A 70 5.47 16.16 4.26
N GLY A 71 5.87 17.41 4.48
CA GLY A 71 5.92 18.36 3.38
C GLY A 71 6.89 17.93 2.29
N ALA A 72 8.06 17.43 2.68
CA ALA A 72 9.02 16.92 1.71
C ALA A 72 8.48 15.72 0.96
N ALA A 73 7.79 14.82 1.66
CA ALA A 73 7.19 13.66 1.00
C ALA A 73 6.13 14.08 -0.01
N PHE A 74 5.27 15.04 0.36
CA PHE A 74 4.26 15.53 -0.56
C PHE A 74 4.91 16.21 -1.76
N THR A 75 5.99 16.96 -1.52
CA THR A 75 6.73 17.57 -2.63
C THR A 75 7.29 16.52 -3.57
N LEU A 76 7.84 15.44 -3.01
CA LEU A 76 8.40 14.37 -3.83
C LEU A 76 7.32 13.69 -4.66
N ILE A 77 6.21 13.32 -4.03
CA ILE A 77 5.19 12.51 -4.70
C ILE A 77 4.58 13.27 -5.87
N SER A 78 4.30 14.55 -5.69
CA SER A 78 3.65 15.36 -6.72
C SER A 78 4.65 16.04 -7.64
N MET A 79 5.92 15.63 -7.61
CA MET A 79 6.92 16.28 -8.44
C MET A 79 6.71 16.01 -9.93
N TYR A 80 6.21 14.83 -10.28
CA TYR A 80 6.06 14.47 -11.68
C TYR A 80 5.04 15.36 -12.38
N SER A 81 3.99 15.75 -11.69
CA SER A 81 2.92 16.53 -12.30
C SER A 81 3.41 17.93 -12.67
N GLU A 82 2.87 18.45 -13.78
CA GLU A 82 3.22 19.80 -14.21
C GLU A 82 2.67 20.86 -13.28
N ARG A 83 1.60 20.56 -12.56
CA ARG A 83 0.99 21.49 -11.60
C ARG A 83 0.87 20.75 -10.27
N PRO A 84 1.96 20.63 -9.52
CA PRO A 84 1.90 19.90 -8.24
C PRO A 84 0.90 20.48 -7.26
N GLY A 85 0.75 21.81 -7.23
CA GLY A 85 -0.20 22.40 -6.30
C GLY A 85 -1.63 21.99 -6.61
N ALA A 86 -2.02 22.02 -7.88
CA ALA A 86 -3.36 21.60 -8.26
C ALA A 86 -3.58 20.12 -7.96
N LEU A 87 -2.57 19.29 -8.22
CA LEU A 87 -2.70 17.87 -7.93
C LEU A 87 -2.90 17.61 -6.45
N ILE A 88 -2.11 18.30 -5.60
CA ILE A 88 -2.25 18.12 -4.16
C ILE A 88 -3.61 18.63 -3.68
N ARG A 89 -4.03 19.80 -4.17
CA ARG A 89 -5.28 20.38 -3.68
C ARG A 89 -6.50 19.61 -4.15
N SER A 90 -6.42 18.99 -5.33
CA SER A 90 -7.56 18.27 -5.90
C SER A 90 -7.55 16.77 -5.59
N LEU A 91 -6.57 16.29 -4.82
CA LEU A 91 -6.49 14.88 -4.46
C LEU A 91 -6.11 14.73 -2.99
N LEU A 92 -6.66 15.60 -2.13
CA LEU A 92 -6.40 15.55 -0.70
C LEU A 92 -7.72 15.35 0.03
N ASN A 93 -7.79 14.29 0.84
CA ASN A 93 -8.97 13.97 1.63
C ASN A 93 -8.56 13.58 3.04
N ASP A 94 -7.68 14.38 3.64
CA ASP A 94 -7.16 14.11 4.97
C ASP A 94 -7.74 15.10 5.98
N PRO A 95 -8.72 14.72 6.78
CA PRO A 95 -9.22 15.64 7.83
C PRO A 95 -8.20 15.92 8.91
N ASP A 96 -7.18 15.08 9.07
CA ASP A 96 -6.21 15.28 10.14
C ASP A 96 -5.32 16.49 9.89
N ILE A 97 -5.02 16.79 8.62
CA ILE A 97 -4.04 17.82 8.28
C ILE A 97 -4.69 18.85 7.36
N GLU A 98 -4.11 20.03 7.37
CA GLU A 98 -4.41 21.08 6.40
C GLU A 98 -3.12 21.44 5.68
N ALA A 99 -3.19 21.53 4.35
CA ALA A 99 -2.03 21.77 3.52
C ALA A 99 -2.02 23.21 3.03
N VAL A 100 -0.90 23.90 3.26
CA VAL A 100 -0.69 25.25 2.76
C VAL A 100 0.33 25.14 1.62
N ILE A 101 -0.16 25.25 0.40
CA ILE A 101 0.71 25.10 -0.77
C ILE A 101 1.57 26.34 -0.91
N ILE A 102 2.88 26.14 -1.10
CA ILE A 102 3.84 27.21 -1.20
C ILE A 102 4.57 27.07 -2.53
N ASP A 103 4.40 28.05 -3.40
CA ASP A 103 5.14 28.09 -4.66
C ASP A 103 6.57 28.51 -4.39
N VAL A 104 7.53 27.72 -4.87
CA VAL A 104 8.93 27.95 -4.54
C VAL A 104 9.44 29.22 -5.22
N GLY A 105 9.13 29.41 -6.49
CA GLY A 105 9.55 30.61 -7.20
C GLY A 105 10.94 30.50 -7.78
N SER A 106 11.93 31.12 -7.11
CA SER A 106 13.32 30.97 -7.50
C SER A 106 13.95 29.86 -6.65
N MET A 107 15.25 29.64 -6.80
CA MET A 107 15.89 28.52 -6.14
C MET A 107 17.31 28.90 -5.73
N LEU A 108 17.53 29.06 -4.43
CA LEU A 108 18.85 29.22 -3.86
C LEU A 108 19.38 27.84 -3.46
N ASN A 109 20.45 27.83 -2.65
CA ASN A 109 20.93 26.56 -2.10
C ASN A 109 19.83 25.84 -1.35
N GLY A 110 19.10 26.56 -0.50
CA GLY A 110 17.87 26.05 0.08
C GLY A 110 16.68 26.50 -0.73
N ILE A 111 15.74 27.20 -0.11
CA ILE A 111 14.63 27.80 -0.84
C ILE A 111 14.54 29.28 -0.46
N PRO A 112 14.45 30.19 -1.44
CA PRO A 112 14.21 31.60 -1.12
C PRO A 112 12.72 31.85 -0.90
N VAL A 113 12.39 32.37 0.29
CA VAL A 113 11.00 32.64 0.61
C VAL A 113 10.43 33.69 -0.33
N MET A 114 11.19 34.75 -0.60
CA MET A 114 10.79 35.81 -1.51
C MET A 114 9.45 36.41 -1.10
N GLU A 115 9.30 36.68 0.19
CA GLU A 115 8.08 37.28 0.71
C GLU A 115 8.46 38.06 1.97
N ARG A 116 8.62 39.39 1.83
CA ARG A 116 9.01 40.26 2.93
C ARG A 116 10.32 39.78 3.56
N ARG A 117 11.38 39.81 2.76
CA ARG A 117 12.68 39.35 3.21
C ARG A 117 13.13 40.13 4.44
N GLY A 118 13.65 39.41 5.41
CA GLY A 118 14.00 39.99 6.70
C GLY A 118 12.92 39.88 7.74
N ASP A 119 11.67 40.06 7.33
CA ASP A 119 10.52 39.95 8.23
C ASP A 119 10.01 38.51 8.22
N LYS A 120 10.29 37.78 9.29
CA LYS A 120 9.80 36.41 9.48
C LYS A 120 10.22 35.48 8.35
N ALA A 121 11.38 35.73 7.75
CA ALA A 121 11.88 34.88 6.68
C ALA A 121 13.30 34.42 6.96
N GLN A 122 14.09 35.28 7.62
CA GLN A 122 15.47 34.93 7.90
C GLN A 122 15.57 33.73 8.83
N GLU A 123 14.66 33.64 9.82
CA GLU A 123 14.68 32.48 10.71
C GLU A 123 14.37 31.19 9.95
N GLU A 124 13.42 31.25 9.01
CA GLU A 124 13.13 30.08 8.18
C GLU A 124 14.33 29.71 7.32
N MET A 125 15.03 30.71 6.79
CA MET A 125 16.22 30.41 5.98
C MET A 125 17.30 29.73 6.82
N GLU A 126 17.57 30.25 8.02
CA GLU A 126 18.55 29.60 8.88
C GLU A 126 18.10 28.21 9.28
N GLY A 127 16.80 28.01 9.52
CA GLY A 127 16.31 26.68 9.82
C GLY A 127 16.54 25.70 8.68
N LEU A 128 16.27 26.14 7.45
CA LEU A 128 16.51 25.28 6.29
C LEU A 128 17.99 24.97 6.11
N MET A 129 18.85 25.96 6.33
CA MET A 129 20.29 25.71 6.28
C MET A 129 20.72 24.71 7.34
N ARG A 130 20.20 24.82 8.56
CA ARG A 130 20.50 23.84 9.59
C ARG A 130 20.01 22.45 9.20
N ILE A 131 18.82 22.38 8.60
CA ILE A 131 18.29 21.09 8.17
C ILE A 131 19.21 20.45 7.14
N LEU A 132 19.64 21.24 6.15
CA LEU A 132 20.53 20.72 5.12
C LEU A 132 21.86 20.29 5.71
N LYS A 133 22.43 21.09 6.62
CA LYS A 133 23.72 20.76 7.21
C LYS A 133 23.63 19.48 8.04
N THR A 134 22.56 19.34 8.83
CA THR A 134 22.39 18.12 9.62
C THR A 134 22.17 16.91 8.72
N ALA A 135 21.43 17.07 7.63
CA ALA A 135 21.22 15.97 6.70
C ALA A 135 22.53 15.52 6.08
N ARG A 136 23.38 16.49 5.68
CA ARG A 136 24.64 16.13 5.04
C ARG A 136 25.63 15.55 6.03
N GLU A 137 25.65 16.06 7.27
CA GLU A 137 26.60 15.57 8.25
C GLU A 137 26.19 14.22 8.86
N SER A 138 24.89 13.95 8.95
CA SER A 138 24.43 12.72 9.59
C SER A 138 24.95 11.50 8.86
N SER A 139 24.85 11.48 7.54
CA SER A 139 25.43 10.40 6.75
C SER A 139 26.95 10.51 6.75
N LYS A 140 27.61 9.38 6.52
CA LYS A 140 29.07 9.33 6.49
C LYS A 140 29.59 9.79 5.13
N GLY A 141 29.14 10.97 4.73
CA GLY A 141 29.44 11.49 3.42
C GLY A 141 28.72 10.82 2.29
N LYS A 142 27.74 9.98 2.59
CA LYS A 142 27.04 9.18 1.58
C LYS A 142 25.84 9.95 1.05
N THR A 143 25.77 10.08 -0.27
CA THR A 143 24.64 10.72 -0.91
C THR A 143 23.41 9.82 -0.82
N PRO A 144 22.21 10.40 -0.94
CA PRO A 144 21.00 9.55 -0.95
C PRO A 144 21.01 8.52 -2.06
N PHE A 145 21.56 8.84 -3.22
CA PHE A 145 21.65 7.89 -4.31
C PHE A 145 22.81 6.92 -4.07
N VAL A 146 22.67 5.72 -4.63
CA VAL A 146 23.72 4.72 -4.52
C VAL A 146 24.96 5.14 -5.29
N ASP A 147 24.84 6.09 -6.21
CA ASP A 147 25.96 6.62 -6.98
C ASP A 147 26.25 8.04 -6.52
N SER A 148 27.49 8.30 -6.14
CA SER A 148 27.86 9.62 -5.65
C SER A 148 27.74 10.68 -6.73
N ARG A 149 27.90 10.30 -7.99
CA ARG A 149 27.78 11.25 -9.09
C ARG A 149 26.34 11.68 -9.33
N ALA A 150 25.36 10.90 -8.86
CA ALA A 150 23.96 11.25 -9.08
C ALA A 150 23.50 12.41 -8.20
N TYR A 151 24.22 12.69 -7.11
CA TYR A 151 23.83 13.78 -6.22
C TYR A 151 24.25 15.13 -6.79
N GLY A 152 25.55 15.33 -6.97
CA GLY A 152 26.05 16.56 -7.54
C GLY A 152 26.00 16.56 -9.05
N LEU A 153 24.83 16.30 -9.61
CA LEU A 153 24.64 16.21 -11.05
C LEU A 153 23.83 17.42 -11.53
N ARG A 154 24.33 18.08 -12.56
CA ARG A 154 23.63 19.22 -13.14
C ARG A 154 22.62 18.71 -14.17
N ILE A 155 21.36 19.16 -14.04
CA ILE A 155 20.29 18.77 -14.94
C ILE A 155 19.75 20.03 -15.60
N THR A 156 19.84 20.08 -16.93
CA THR A 156 19.26 21.15 -17.72
C THR A 156 18.33 20.66 -18.80
N ASP A 157 18.38 19.37 -19.15
CA ASP A 157 17.50 18.79 -20.16
C ASP A 157 16.24 18.26 -19.51
N MET A 158 15.10 18.50 -20.16
CA MET A 158 13.82 18.05 -19.60
C MET A 158 13.75 16.54 -19.53
N SER A 159 14.28 15.84 -20.54
CA SER A 159 14.21 14.39 -20.57
C SER A 159 14.95 13.76 -19.39
N THR A 160 16.15 14.27 -19.08
CA THR A 160 16.91 13.73 -17.96
C THR A 160 16.20 13.97 -16.64
N LEU A 161 15.63 15.17 -16.47
CA LEU A 161 14.85 15.46 -15.27
C LEU A 161 13.66 14.51 -15.14
N VAL A 162 12.96 14.28 -16.25
CA VAL A 162 11.80 13.38 -16.22
C VAL A 162 12.23 11.98 -15.83
N SER A 163 13.32 11.50 -16.42
CA SER A 163 13.79 10.15 -16.11
C SER A 163 14.17 10.02 -14.64
N ALA A 164 14.93 10.98 -14.12
CA ALA A 164 15.34 10.93 -12.72
C ALA A 164 14.13 11.00 -11.79
N VAL A 165 13.19 11.89 -12.09
CA VAL A 165 12.00 12.03 -11.25
C VAL A 165 11.18 10.75 -11.27
N ILE A 166 11.03 10.13 -12.44
CA ILE A 166 10.29 8.89 -12.55
C ILE A 166 10.96 7.80 -11.72
N THR A 167 12.30 7.73 -11.78
CA THR A 167 13.01 6.74 -10.97
C THR A 167 12.77 6.97 -9.48
N ILE A 168 12.81 8.24 -9.05
CA ILE A 168 12.61 8.53 -7.64
C ILE A 168 11.19 8.18 -7.20
N GLU A 169 10.19 8.52 -8.03
CA GLU A 169 8.81 8.14 -7.72
C GLU A 169 8.66 6.62 -7.66
N ALA A 170 9.28 5.90 -8.59
CA ALA A 170 9.16 4.45 -8.56
C ALA A 170 9.76 3.89 -7.28
N GLN A 171 10.97 4.30 -6.93
CA GLN A 171 11.62 3.77 -5.74
C GLN A 171 10.86 4.15 -4.46
N ILE A 172 10.24 5.32 -4.44
CA ILE A 172 9.40 5.67 -3.29
C ILE A 172 8.16 4.80 -3.25
N TRP A 173 7.50 4.61 -4.39
CA TRP A 173 6.23 3.91 -4.43
C TRP A 173 6.38 2.41 -4.24
N ILE A 174 7.60 1.86 -4.36
CA ILE A 174 7.77 0.44 -4.05
C ILE A 174 7.49 0.17 -2.58
N LEU A 175 7.83 1.12 -1.71
CA LEU A 175 7.78 0.87 -0.27
C LEU A 175 6.36 0.74 0.28
N ILE A 176 5.36 1.31 -0.40
CA ILE A 176 4.00 1.32 0.16
C ILE A 176 3.42 -0.09 0.24
N ALA A 177 3.89 -1.00 -0.61
CA ALA A 177 3.32 -2.35 -0.63
C ALA A 177 3.50 -3.05 0.71
N LYS A 178 4.69 -2.93 1.31
CA LYS A 178 4.99 -3.57 2.59
C LYS A 178 5.53 -2.55 3.58
N ALA A 179 4.84 -1.42 3.71
CA ALA A 179 5.24 -0.38 4.65
C ALA A 179 4.61 -0.58 6.02
N VAL A 180 3.35 -1.00 6.07
CA VAL A 180 2.65 -1.20 7.33
C VAL A 180 2.40 -2.66 7.65
N THR A 181 2.39 -3.55 6.64
CA THR A 181 2.17 -4.96 6.91
C THR A 181 3.37 -5.57 7.63
N ALA A 182 4.54 -5.53 7.00
CA ALA A 182 5.77 -6.03 7.60
C ALA A 182 6.95 -5.23 7.08
N PRO A 183 7.14 -4.01 7.58
CA PRO A 183 8.26 -3.19 7.10
C PRO A 183 9.62 -3.80 7.36
N ASP A 184 9.78 -4.55 8.45
CA ASP A 184 11.07 -5.15 8.77
C ASP A 184 11.45 -6.22 7.75
N THR A 185 10.50 -7.04 7.33
CA THR A 185 10.75 -8.14 6.40
C THR A 185 10.76 -7.68 4.94
N ALA A 186 10.93 -6.39 4.70
CA ALA A 186 10.96 -5.84 3.35
C ALA A 186 12.37 -5.99 2.78
N GLU A 187 12.66 -5.30 1.67
CA GLU A 187 13.91 -5.26 0.93
C GLU A 187 14.10 -6.50 0.06
N GLU A 188 13.23 -7.50 0.15
CA GLU A 188 13.26 -8.63 -0.77
C GLU A 188 12.28 -8.40 -1.92
N SER A 189 11.00 -8.23 -1.59
CA SER A 189 10.01 -7.91 -2.61
C SER A 189 10.29 -6.54 -3.23
N GLU A 190 10.79 -5.59 -2.44
CA GLU A 190 11.14 -4.29 -2.98
C GLU A 190 12.27 -4.41 -4.00
N THR A 191 13.29 -5.21 -3.67
CA THR A 191 14.38 -5.44 -4.62
C THR A 191 13.88 -6.16 -5.87
N ARG A 192 12.94 -7.09 -5.70
CA ARG A 192 12.36 -7.78 -6.85
C ARG A 192 11.62 -6.80 -7.76
N ARG A 193 10.84 -5.89 -7.17
CA ARG A 193 10.14 -4.89 -7.96
C ARG A 193 11.12 -3.98 -8.69
N TRP A 194 12.18 -3.55 -7.99
CA TRP A 194 13.17 -2.70 -8.62
C TRP A 194 13.86 -3.40 -9.78
N ALA A 195 14.20 -4.67 -9.60
CA ALA A 195 14.81 -5.44 -10.69
C ALA A 195 13.85 -5.59 -11.85
N LYS A 196 12.56 -5.82 -11.57
CA LYS A 196 11.57 -5.92 -12.62
C LYS A 196 11.50 -4.64 -13.43
N TYR A 197 11.46 -3.50 -12.75
CA TYR A 197 11.34 -2.24 -13.46
C TYR A 197 12.62 -1.86 -14.19
N VAL A 198 13.78 -2.29 -13.67
CA VAL A 198 15.03 -2.06 -14.38
C VAL A 198 15.09 -2.90 -15.65
N GLN A 199 14.67 -4.17 -15.56
CA GLN A 199 14.71 -5.04 -16.74
C GLN A 199 13.74 -4.57 -17.82
N GLN A 200 12.66 -3.90 -17.43
CA GLN A 200 11.72 -3.33 -18.39
C GLN A 200 12.19 -1.99 -18.95
N LYS A 201 13.31 -1.47 -18.46
CA LYS A 201 13.87 -0.19 -18.88
C LYS A 201 12.93 0.98 -18.63
N ARG A 202 11.97 0.80 -17.72
CA ARG A 202 11.09 1.92 -17.36
C ARG A 202 11.81 2.92 -16.48
N VAL A 203 12.78 2.46 -15.68
CA VAL A 203 13.52 3.33 -14.78
C VAL A 203 15.00 3.24 -15.12
N ASN A 204 15.67 4.39 -15.09
CA ASN A 204 17.10 4.46 -15.31
C ASN A 204 17.82 4.14 -14.02
N PRO A 205 18.64 3.08 -13.97
CA PRO A 205 19.23 2.65 -12.70
C PRO A 205 20.27 3.61 -12.13
N PHE A 206 20.67 4.64 -12.89
CA PHE A 206 21.66 5.59 -12.37
C PHE A 206 21.14 6.33 -11.15
N PHE A 207 19.87 6.72 -11.16
CA PHE A 207 19.25 7.39 -10.01
C PHE A 207 18.62 6.34 -9.12
N ALA A 208 19.46 5.64 -8.38
CA ALA A 208 19.05 4.59 -7.45
C ALA A 208 19.44 5.02 -6.04
N LEU A 209 18.44 5.26 -5.20
CA LEU A 209 18.71 5.68 -3.82
C LEU A 209 19.27 4.52 -3.00
N THR A 210 20.11 4.86 -2.03
CA THR A 210 20.73 3.84 -1.19
C THR A 210 19.68 3.24 -0.25
N GLN A 211 20.05 2.11 0.37
CA GLN A 211 19.10 1.40 1.22
C GLN A 211 18.86 2.13 2.53
N GLN A 212 19.84 2.91 3.01
CA GLN A 212 19.63 3.68 4.23
C GLN A 212 18.53 4.72 4.05
N TRP A 213 18.58 5.44 2.93
CA TRP A 213 17.53 6.43 2.64
C TRP A 213 16.19 5.75 2.46
N LEU A 214 16.16 4.57 1.81
CA LEU A 214 14.92 3.85 1.64
C LEU A 214 14.35 3.41 2.99
N THR A 215 15.19 2.95 3.90
CA THR A 215 14.72 2.58 5.23
C THR A 215 14.17 3.78 5.98
N GLU A 216 14.86 4.92 5.90
CA GLU A 216 14.36 6.12 6.57
C GLU A 216 13.00 6.55 6.00
N MET A 217 12.87 6.52 4.67
CA MET A 217 11.61 6.92 4.06
C MET A 217 10.49 5.94 4.40
N ARG A 218 10.81 4.64 4.45
CA ARG A 218 9.81 3.65 4.81
C ARG A 218 9.36 3.84 6.26
N ASN A 219 10.30 4.16 7.16
CA ASN A 219 9.93 4.43 8.54
C ASN A 219 9.04 5.66 8.63
N LEU A 220 9.37 6.71 7.88
CA LEU A 220 8.52 7.90 7.87
C LEU A 220 7.14 7.59 7.34
N LEU A 221 7.06 6.79 6.26
CA LEU A 221 5.77 6.44 5.67
C LEU A 221 4.93 5.60 6.63
N SER A 222 5.56 4.68 7.35
CA SER A 222 4.82 3.87 8.31
C SER A 222 4.34 4.70 9.49
N GLN A 223 5.16 5.65 9.95
CA GLN A 223 4.76 6.49 11.08
C GLN A 223 3.58 7.38 10.72
N SER A 224 3.56 7.94 9.51
CA SER A 224 2.59 8.94 9.12
C SER A 224 1.42 8.31 8.36
N LEU A 225 0.21 8.79 8.66
CA LEU A 225 -1.00 8.34 7.98
C LEU A 225 -1.44 9.26 6.85
N SER A 226 -1.10 10.55 6.93
CA SER A 226 -1.53 11.49 5.89
C SER A 226 -0.87 11.17 4.55
N VAL A 227 0.42 10.83 4.56
CA VAL A 227 1.11 10.48 3.33
C VAL A 227 0.48 9.22 2.73
N ARG A 228 0.17 8.24 3.56
CA ARG A 228 -0.47 7.02 3.08
C ARG A 228 -1.83 7.33 2.48
N LYS A 229 -2.61 8.20 3.13
CA LYS A 229 -3.92 8.56 2.59
C LYS A 229 -3.80 9.26 1.25
N PHE A 230 -2.84 10.18 1.13
CA PHE A 230 -2.64 10.87 -0.14
C PHE A 230 -2.23 9.90 -1.25
N MET A 231 -1.33 8.98 -0.94
CA MET A 231 -0.87 8.03 -1.96
C MET A 231 -1.97 7.06 -2.34
N VAL A 232 -2.81 6.66 -1.37
CA VAL A 232 -3.95 5.79 -1.68
C VAL A 232 -4.95 6.53 -2.55
N GLU A 233 -5.18 7.81 -2.27
CA GLU A 233 -6.07 8.60 -3.12
C GLU A 233 -5.51 8.70 -4.54
N ILE A 234 -4.21 8.90 -4.67
CA ILE A 234 -3.58 8.92 -5.98
C ILE A 234 -3.77 7.59 -6.70
N LEU A 235 -3.59 6.48 -5.97
CA LEU A 235 -3.79 5.16 -6.55
C LEU A 235 -5.23 4.98 -7.04
N MET A 236 -6.20 5.37 -6.23
CA MET A 236 -7.60 5.24 -6.62
C MET A 236 -7.91 6.09 -7.85
N GLU A 237 -7.41 7.33 -7.89
CA GLU A 237 -7.66 8.19 -9.03
C GLU A 237 -7.01 7.63 -10.30
N VAL A 238 -5.79 7.11 -10.19
CA VAL A 238 -5.12 6.54 -11.36
C VAL A 238 -5.83 5.28 -11.83
N LYS A 239 -6.33 4.47 -10.90
CA LYS A 239 -7.01 3.24 -11.26
C LYS A 239 -8.21 3.48 -12.17
N LYS A 240 -8.89 4.61 -11.99
CA LYS A 240 -10.03 4.95 -12.84
C LYS A 240 -9.53 5.26 -14.24
N GLY A 241 -9.86 4.38 -15.19
CA GLY A 241 -9.44 4.55 -16.56
C GLY A 241 -10.31 5.55 -17.30
N GLY A 242 -9.95 5.77 -18.56
CA GLY A 242 -10.71 6.68 -19.41
C GLY A 242 -9.84 7.69 -20.13
N SER A 243 -8.79 8.16 -19.47
CA SER A 243 -7.90 9.16 -20.03
C SER A 243 -6.54 8.54 -20.33
N ALA A 244 -5.72 9.31 -21.08
CA ALA A 244 -4.39 8.85 -21.42
C ALA A 244 -3.50 8.84 -20.18
N LYS A 245 -2.69 7.80 -20.04
CA LYS A 245 -1.82 7.63 -18.88
C LYS A 245 -0.37 7.89 -19.28
N GLY A 246 0.30 8.72 -18.48
CA GLY A 246 1.70 8.98 -18.69
C GLY A 246 2.58 7.91 -18.09
N ARG A 247 3.89 8.06 -18.31
CA ARG A 247 4.85 7.07 -17.80
C ARG A 247 4.79 6.97 -16.29
N ALA A 248 4.75 8.12 -15.61
CA ALA A 248 4.64 8.12 -14.15
C ALA A 248 3.34 7.48 -13.70
N VAL A 249 2.24 7.83 -14.37
CA VAL A 249 0.93 7.28 -13.99
C VAL A 249 0.89 5.77 -14.26
N GLU A 250 1.47 5.34 -15.37
CA GLU A 250 1.50 3.90 -15.67
C GLU A 250 2.32 3.15 -14.64
N ILE A 251 3.48 3.70 -14.25
CA ILE A 251 4.30 3.06 -13.22
C ILE A 251 3.54 2.99 -11.90
N ILE A 252 2.86 4.09 -11.55
CA ILE A 252 2.10 4.13 -10.30
C ILE A 252 1.01 3.08 -10.30
N SER A 253 0.28 2.94 -11.42
CA SER A 253 -0.77 1.94 -11.50
C SER A 253 -0.20 0.52 -11.46
N ASP A 254 0.93 0.29 -12.12
CA ASP A 254 1.55 -1.02 -12.07
C ASP A 254 1.97 -1.38 -10.65
N ILE A 255 2.51 -0.41 -9.91
CA ILE A 255 2.86 -0.65 -8.52
C ILE A 255 1.60 -0.90 -7.68
N GLY A 256 0.57 -0.09 -7.90
CA GLY A 256 -0.69 -0.28 -7.18
C GLY A 256 -1.34 -1.62 -7.44
N ASN A 257 -1.04 -2.23 -8.58
CA ASN A 257 -1.49 -3.61 -8.81
C ASN A 257 -0.99 -4.53 -7.71
N TYR A 258 0.28 -4.38 -7.32
CA TYR A 258 0.80 -5.13 -6.18
C TYR A 258 0.30 -4.58 -4.86
N VAL A 259 0.04 -3.26 -4.79
CA VAL A 259 -0.37 -2.64 -3.54
C VAL A 259 -1.74 -3.13 -3.10
N GLU A 260 -2.63 -3.40 -4.06
CA GLU A 260 -4.02 -3.73 -3.75
C GLU A 260 -4.11 -4.96 -2.87
N GLU A 261 -5.11 -4.96 -1.98
CA GLU A 261 -5.44 -6.10 -1.12
C GLU A 261 -4.28 -6.48 -0.20
N THR A 262 -3.42 -5.52 0.12
CA THR A 262 -2.32 -5.78 1.05
C THR A 262 -2.84 -5.81 2.49
N GLY A 263 -2.12 -6.57 3.32
CA GLY A 263 -2.46 -6.66 4.73
C GLY A 263 -3.71 -7.44 5.05
N MET A 264 -4.36 -8.05 4.05
CA MET A 264 -5.56 -8.85 4.25
C MET A 264 -5.39 -10.23 3.60
N ALA A 265 -4.17 -10.76 3.67
CA ALA A 265 -3.89 -12.04 3.03
C ALA A 265 -4.68 -13.18 3.67
N GLY A 266 -4.92 -13.10 4.98
CA GLY A 266 -5.67 -14.15 5.64
C GLY A 266 -7.08 -14.30 5.10
N PHE A 267 -7.80 -13.18 4.98
CA PHE A 267 -9.19 -13.24 4.53
C PHE A 267 -9.30 -13.72 3.09
N PHE A 268 -8.48 -13.16 2.20
CA PHE A 268 -8.58 -13.53 0.79
C PHE A 268 -8.08 -14.95 0.56
N ALA A 269 -7.05 -15.37 1.29
CA ALA A 269 -6.62 -16.76 1.23
C ALA A 269 -7.72 -17.69 1.71
N THR A 270 -8.38 -17.33 2.80
CA THR A 270 -9.51 -18.12 3.29
C THR A 270 -10.57 -18.26 2.21
N ILE A 271 -10.96 -17.13 1.60
CA ILE A 271 -11.94 -17.16 0.52
C ILE A 271 -11.49 -18.14 -0.56
N ARG A 272 -10.35 -17.84 -1.17
CA ARG A 272 -9.90 -18.55 -2.37
C ARG A 272 -9.75 -20.05 -2.12
N PHE A 273 -9.18 -20.42 -0.97
CA PHE A 273 -8.85 -21.82 -0.72
C PHE A 273 -9.97 -22.57 0.01
N GLY A 274 -10.39 -22.08 1.18
CA GLY A 274 -11.44 -22.79 1.91
C GLY A 274 -12.78 -22.74 1.20
N LEU A 275 -13.17 -21.55 0.72
CA LEU A 275 -14.52 -21.41 0.17
C LEU A 275 -14.60 -21.96 -1.23
N GLU A 276 -13.82 -21.41 -2.15
CA GLU A 276 -13.70 -21.97 -3.49
C GLU A 276 -12.92 -23.27 -3.40
N THR A 277 -12.70 -23.94 -4.53
CA THR A 277 -12.12 -25.27 -4.56
C THR A 277 -12.90 -26.20 -3.63
N ARG A 278 -14.18 -26.37 -3.98
CA ARG A 278 -15.15 -27.06 -3.13
C ARG A 278 -14.71 -28.48 -2.79
N TYR A 279 -14.45 -28.73 -1.49
CA TYR A 279 -14.04 -30.00 -0.92
C TYR A 279 -15.19 -30.62 -0.11
N PRO A 280 -15.41 -31.93 -0.27
CA PRO A 280 -16.48 -32.60 0.48
C PRO A 280 -16.40 -32.41 2.00
N ALA A 281 -15.30 -31.91 2.54
CA ALA A 281 -15.12 -31.74 3.97
C ALA A 281 -15.58 -30.38 4.48
N LEU A 282 -16.36 -29.64 3.68
CA LEU A 282 -16.77 -28.29 4.08
C LEU A 282 -17.91 -28.34 5.09
N ALA A 283 -19.05 -28.91 4.69
CA ALA A 283 -20.23 -28.99 5.56
C ALA A 283 -20.01 -30.10 6.57
N LEU A 284 -19.53 -29.73 7.76
CA LEU A 284 -19.19 -30.72 8.79
C LEU A 284 -19.61 -30.24 10.19
N ASN A 285 -20.55 -29.29 10.26
CA ASN A 285 -21.13 -28.73 11.47
C ASN A 285 -20.17 -27.86 12.28
N GLU A 286 -18.93 -27.66 11.83
CA GLU A 286 -18.05 -26.70 12.47
C GLU A 286 -17.62 -25.59 11.53
N PHE A 287 -18.13 -25.56 10.31
CA PHE A 287 -17.79 -24.53 9.34
C PHE A 287 -18.98 -23.70 8.88
N GLN A 288 -20.20 -24.03 9.31
CA GLN A 288 -21.37 -23.29 8.84
C GLN A 288 -21.39 -21.87 9.36
N SER A 289 -21.07 -21.67 10.64
CA SER A 289 -21.01 -20.33 11.19
C SER A 289 -19.93 -19.51 10.49
N ASP A 290 -18.78 -20.13 10.21
CA ASP A 290 -17.71 -19.44 9.49
C ASP A 290 -18.15 -19.09 8.08
N LEU A 291 -18.91 -19.97 7.43
CA LEU A 291 -19.43 -19.67 6.09
C LEU A 291 -20.37 -18.47 6.13
N ASN A 292 -21.26 -18.43 7.13
CA ASN A 292 -22.18 -17.30 7.26
C ASN A 292 -21.41 -16.00 7.51
N THR A 293 -20.40 -16.06 8.39
CA THR A 293 -19.59 -14.88 8.66
C THR A 293 -18.85 -14.42 7.41
N ILE A 294 -18.37 -15.38 6.61
CA ILE A 294 -17.65 -15.06 5.39
C ILE A 294 -18.58 -14.40 4.38
N LYS A 295 -19.80 -14.90 4.27
CA LYS A 295 -20.77 -14.27 3.37
C LYS A 295 -21.09 -12.85 3.82
N GLY A 296 -21.29 -12.65 5.13
CA GLY A 296 -21.50 -11.31 5.63
C GLY A 296 -20.32 -10.40 5.36
N LEU A 297 -19.10 -10.95 5.46
CA LEU A 297 -17.90 -10.17 5.18
C LEU A 297 -17.83 -9.79 3.70
N MET A 298 -18.23 -10.69 2.81
CA MET A 298 -18.28 -10.32 1.39
C MET A 298 -19.29 -9.21 1.14
N LEU A 299 -20.46 -9.29 1.76
CA LEU A 299 -21.43 -8.22 1.60
C LEU A 299 -20.88 -6.90 2.14
N LEU A 300 -20.21 -6.93 3.29
CA LEU A 300 -19.61 -5.71 3.84
C LEU A 300 -18.53 -5.16 2.92
N TYR A 301 -17.69 -6.04 2.37
CA TYR A 301 -16.63 -5.60 1.47
C TYR A 301 -17.21 -4.95 0.21
N ARG A 302 -18.29 -5.53 -0.34
CA ARG A 302 -18.94 -4.91 -1.48
C ARG A 302 -19.55 -3.57 -1.09
N GLU A 303 -20.08 -3.46 0.13
CA GLU A 303 -20.71 -2.23 0.59
C GLU A 303 -19.71 -1.13 0.89
N ILE A 304 -18.46 -1.46 1.20
CA ILE A 304 -17.49 -0.45 1.61
C ILE A 304 -17.23 0.53 0.48
N GLY A 305 -16.93 0.02 -0.72
CA GLY A 305 -16.70 0.87 -1.86
C GLY A 305 -15.32 0.73 -2.45
N PRO A 306 -14.86 1.75 -3.17
CA PRO A 306 -13.55 1.68 -3.83
C PRO A 306 -12.37 1.67 -2.88
N ARG A 307 -12.56 2.04 -1.62
CA ARG A 307 -11.48 2.05 -0.63
C ARG A 307 -11.30 0.70 0.04
N ALA A 308 -12.08 -0.30 -0.34
CA ALA A 308 -12.00 -1.61 0.32
C ALA A 308 -10.62 -2.27 0.18
N PRO A 309 -10.00 -2.35 -1.00
CA PRO A 309 -8.69 -3.05 -1.07
C PRO A 309 -7.62 -2.41 -0.21
N TYR A 310 -7.60 -1.08 -0.13
CA TYR A 310 -6.61 -0.39 0.71
C TYR A 310 -7.17 -0.10 2.10
N MET A 311 -7.72 -1.11 2.76
CA MET A 311 -8.26 -0.91 4.09
C MET A 311 -7.16 -0.85 5.14
N VAL A 312 -6.13 -1.69 5.00
CA VAL A 312 -5.03 -1.69 5.96
C VAL A 312 -4.21 -0.41 5.83
N LEU A 313 -4.03 0.08 4.60
CA LEU A 313 -3.24 1.30 4.40
C LEU A 313 -3.89 2.50 5.07
N LEU A 314 -5.21 2.64 4.92
CA LEU A 314 -5.92 3.71 5.61
C LEU A 314 -6.23 3.36 7.06
N GLU A 315 -5.94 2.14 7.49
CA GLU A 315 -6.16 1.70 8.85
C GLU A 315 -7.63 1.85 9.26
N GLU A 316 -8.51 1.34 8.40
CA GLU A 316 -9.93 1.37 8.68
C GLU A 316 -10.26 0.50 9.88
N SER A 317 -11.25 0.96 10.66
CA SER A 317 -11.72 0.17 11.79
C SER A 317 -12.47 -1.08 11.32
N ILE A 318 -13.00 -1.04 10.09
CA ILE A 318 -13.69 -2.19 9.53
C ILE A 318 -12.73 -3.34 9.27
N GLN A 319 -11.42 -3.06 9.20
CA GLN A 319 -10.45 -4.11 8.89
C GLN A 319 -10.39 -5.15 10.00
N THR A 320 -10.62 -4.75 11.25
CA THR A 320 -10.57 -5.70 12.36
C THR A 320 -11.59 -6.81 12.19
N LYS A 321 -12.80 -6.47 11.74
CA LYS A 321 -13.82 -7.48 11.51
C LYS A 321 -13.44 -8.45 10.39
N PHE A 322 -12.59 -8.01 9.45
CA PHE A 322 -12.16 -8.88 8.36
C PHE A 322 -11.04 -9.83 8.77
N ALA A 323 -10.28 -9.49 9.82
CA ALA A 323 -9.14 -10.29 10.20
C ALA A 323 -9.58 -11.66 10.73
N PRO A 324 -8.79 -12.70 10.50
CA PRO A 324 -9.10 -13.99 11.10
C PRO A 324 -9.07 -13.92 12.62
N GLY A 325 -9.96 -14.67 13.26
CA GLY A 325 -10.16 -14.58 14.69
C GLY A 325 -11.64 -14.67 14.99
N GLY A 326 -12.45 -14.20 14.06
CA GLY A 326 -13.88 -14.44 14.09
C GLY A 326 -14.33 -15.69 13.35
N TYR A 327 -13.43 -16.30 12.59
CA TYR A 327 -13.70 -17.55 11.89
C TYR A 327 -12.43 -18.42 11.87
N PRO A 328 -11.86 -18.70 13.05
CA PRO A 328 -10.55 -19.38 13.07
C PRO A 328 -10.58 -20.77 12.46
N LEU A 329 -11.70 -21.47 12.52
CA LEU A 329 -11.75 -22.86 12.05
C LEU A 329 -11.61 -22.94 10.53
N LEU A 330 -12.51 -22.26 9.81
CA LEU A 330 -12.43 -22.25 8.35
C LEU A 330 -11.13 -21.60 7.88
N TRP A 331 -10.66 -20.57 8.60
CA TRP A 331 -9.39 -19.96 8.24
C TRP A 331 -8.25 -20.96 8.35
N SER A 332 -8.21 -21.73 9.44
CA SER A 332 -7.15 -22.73 9.60
C SER A 332 -7.24 -23.79 8.52
N PHE A 333 -8.45 -24.24 8.20
CA PHE A 333 -8.62 -25.21 7.12
C PHE A 333 -8.09 -24.66 5.80
N ALA A 334 -8.44 -23.40 5.50
CA ALA A 334 -8.04 -22.80 4.24
C ALA A 334 -6.53 -22.63 4.16
N MET A 335 -5.88 -22.19 5.25
CA MET A 335 -4.43 -22.04 5.19
C MET A 335 -3.74 -23.40 5.15
N GLY A 336 -4.34 -24.43 5.72
CA GLY A 336 -3.78 -25.76 5.58
C GLY A 336 -3.77 -26.22 4.14
N VAL A 337 -4.94 -26.09 3.48
CA VAL A 337 -5.00 -26.51 2.07
C VAL A 337 -4.13 -25.60 1.21
N ALA A 338 -3.96 -24.33 1.61
CA ALA A 338 -3.11 -23.42 0.85
C ALA A 338 -1.65 -23.82 0.95
N THR A 339 -1.17 -24.07 2.18
CA THR A 339 0.21 -24.49 2.38
C THR A 339 0.50 -25.82 1.72
N THR A 340 -0.49 -26.72 1.62
CA THR A 340 -0.30 -27.97 0.90
C THR A 340 -0.34 -27.78 -0.61
N ILE A 341 -1.14 -26.84 -1.12
CA ILE A 341 -1.34 -26.64 -2.56
C ILE A 341 -0.34 -25.64 -3.12
N ASP A 342 -0.32 -24.42 -2.57
CA ASP A 342 0.49 -23.34 -3.11
C ASP A 342 1.87 -23.33 -2.44
N ARG A 343 2.92 -23.44 -3.26
CA ARG A 343 4.28 -23.42 -2.73
C ARG A 343 4.60 -22.09 -2.08
N SER A 344 4.20 -20.99 -2.71
CA SER A 344 4.44 -19.67 -2.12
C SER A 344 3.73 -19.53 -0.79
N MET A 345 2.51 -20.05 -0.68
CA MET A 345 1.82 -20.11 0.60
C MET A 345 2.58 -21.00 1.56
N GLY A 346 3.07 -20.43 2.65
CA GLY A 346 3.90 -21.16 3.59
C GLY A 346 4.99 -20.27 4.16
N ALA A 347 5.30 -19.20 3.44
CA ALA A 347 6.16 -18.14 3.96
C ALA A 347 5.39 -17.14 4.81
N LEU A 348 4.06 -17.24 4.83
CA LEU A 348 3.25 -16.35 5.64
C LEU A 348 3.39 -16.71 7.11
N ASN A 349 3.56 -15.67 7.95
CA ASN A 349 3.70 -15.87 9.39
C ASN A 349 2.30 -15.92 10.00
N ILE A 350 1.83 -17.12 10.30
CA ILE A 350 0.49 -17.34 10.80
C ILE A 350 0.48 -18.05 12.16
N ASN A 351 1.51 -17.81 12.98
CA ASN A 351 1.60 -18.45 14.30
C ASN A 351 0.71 -17.68 15.28
N ARG A 352 -0.58 -17.71 15.00
CA ARG A 352 -1.59 -17.02 15.80
C ARG A 352 -2.01 -17.89 16.98
N GLY A 353 -2.83 -17.32 17.85
CA GLY A 353 -3.33 -18.02 19.01
C GLY A 353 -4.56 -18.87 18.78
N TYR A 354 -5.08 -18.90 17.56
CA TYR A 354 -6.26 -19.71 17.25
C TYR A 354 -5.99 -20.59 16.05
N LEU A 355 -4.84 -21.26 16.04
CA LEU A 355 -4.42 -22.05 14.88
C LEU A 355 -5.27 -23.31 14.67
N GLU A 356 -5.80 -23.90 15.74
CA GLU A 356 -6.62 -25.11 15.67
C GLU A 356 -5.89 -26.19 14.88
N PRO A 357 -4.86 -26.82 15.46
CA PRO A 357 -4.08 -27.80 14.70
C PRO A 357 -4.88 -28.95 14.13
N MET A 358 -5.98 -29.35 14.79
CA MET A 358 -6.80 -30.44 14.28
C MET A 358 -7.39 -30.08 12.92
N TYR A 359 -7.92 -28.87 12.79
CA TYR A 359 -8.49 -28.45 11.51
C TYR A 359 -7.41 -28.17 10.47
N PHE A 360 -6.22 -27.72 10.89
CA PHE A 360 -5.12 -27.58 9.95
C PHE A 360 -4.72 -28.94 9.38
N ARG A 361 -4.64 -29.96 10.24
CA ARG A 361 -4.37 -31.32 9.77
C ARG A 361 -5.49 -31.82 8.86
N LEU A 362 -6.74 -31.50 9.21
CA LEU A 362 -7.85 -31.91 8.37
C LEU A 362 -7.77 -31.29 6.98
N GLY A 363 -7.40 -30.01 6.91
CA GLY A 363 -7.20 -29.38 5.61
C GLY A 363 -6.03 -29.95 4.84
N GLN A 364 -4.93 -30.25 5.55
CA GLN A 364 -3.78 -30.86 4.90
C GLN A 364 -4.16 -32.21 4.28
N LYS A 365 -4.92 -33.01 5.02
CA LYS A 365 -5.41 -34.28 4.47
C LYS A 365 -6.39 -34.05 3.32
N SER A 366 -7.28 -33.05 3.47
CA SER A 366 -8.28 -32.81 2.43
C SER A 366 -7.64 -32.38 1.12
N ALA A 367 -6.48 -31.74 1.19
CA ALA A 367 -5.82 -31.28 -0.04
C ALA A 367 -5.37 -32.47 -0.90
N ARG A 368 -4.79 -33.49 -0.28
CA ARG A 368 -4.17 -34.58 -1.03
C ARG A 368 -4.85 -35.93 -0.83
N HIS A 369 -4.99 -36.39 0.41
CA HIS A 369 -5.46 -37.75 0.67
C HIS A 369 -6.97 -37.87 0.61
N HIS A 370 -7.69 -36.76 0.42
CA HIS A 370 -9.15 -36.78 0.51
C HIS A 370 -9.76 -37.52 -0.68
N ALA A 371 -9.58 -36.98 -1.88
CA ALA A 371 -10.11 -37.54 -3.11
C ALA A 371 -9.60 -36.72 -4.27
N GLY A 372 -9.88 -37.20 -5.49
CA GLY A 372 -9.57 -36.41 -6.68
C GLY A 372 -10.37 -35.14 -6.75
N GLY A 373 -11.62 -35.18 -6.29
CA GLY A 373 -12.46 -34.00 -6.27
C GLY A 373 -13.07 -33.67 -7.61
N ILE A 374 -13.90 -34.57 -8.13
CA ILE A 374 -14.57 -34.35 -9.41
C ILE A 374 -15.86 -33.56 -9.14
N ASP A 375 -15.94 -32.36 -9.70
CA ASP A 375 -17.08 -31.48 -9.48
C ASP A 375 -18.09 -31.79 -10.58
N GLN A 376 -19.24 -31.11 -10.58
CA GLN A 376 -20.28 -31.33 -11.57
C GLN A 376 -19.73 -31.14 -12.98
N ASN A 377 -19.84 -32.17 -13.81
CA ASN A 377 -19.22 -32.17 -15.13
C ASN A 377 -20.27 -31.85 -16.18
N MET A 378 -20.13 -30.69 -16.83
CA MET A 378 -21.02 -30.36 -17.94
C MET A 378 -20.87 -31.34 -19.08
N ALA A 379 -19.63 -31.69 -19.43
CA ALA A 379 -19.40 -32.73 -20.43
C ALA A 379 -19.54 -34.10 -19.78
N ASN A 380 -20.21 -35.01 -20.48
CA ASN A 380 -20.51 -36.34 -19.93
C ASN A 380 -19.29 -37.22 -20.09
N LYS A 381 -18.52 -37.35 -19.00
CA LYS A 381 -17.34 -38.21 -18.98
C LYS A 381 -17.71 -39.56 -18.37
N LEU A 382 -18.43 -40.35 -19.17
CA LEU A 382 -18.91 -41.66 -18.70
C LEU A 382 -17.77 -42.63 -18.47
N GLY A 383 -16.70 -42.53 -19.26
CA GLY A 383 -15.56 -43.42 -19.14
C GLY A 383 -14.37 -42.87 -18.39
N LEU A 384 -14.54 -41.79 -17.63
CA LEU A 384 -13.42 -41.12 -16.98
C LEU A 384 -13.22 -41.56 -15.54
N ASN A 385 -13.85 -42.66 -15.11
CA ASN A 385 -13.56 -43.20 -13.80
C ASN A 385 -12.11 -43.66 -13.70
N SER A 386 -11.63 -44.36 -14.73
CA SER A 386 -10.22 -44.73 -14.78
C SER A 386 -9.32 -43.51 -14.89
N ASP A 387 -9.78 -42.46 -15.58
CA ASP A 387 -9.01 -41.23 -15.64
C ASP A 387 -8.86 -40.60 -14.26
N GLN A 388 -9.94 -40.56 -13.48
CA GLN A 388 -9.86 -40.04 -12.12
C GLN A 388 -8.97 -40.92 -11.26
N VAL A 389 -9.04 -42.23 -11.43
CA VAL A 389 -8.18 -43.13 -10.67
C VAL A 389 -6.71 -42.87 -10.99
N ALA A 390 -6.39 -42.70 -12.27
CA ALA A 390 -5.01 -42.41 -12.67
C ALA A 390 -4.56 -41.07 -12.14
N GLU A 391 -5.44 -40.06 -12.16
CA GLU A 391 -5.09 -38.75 -11.62
C GLU A 391 -4.81 -38.82 -10.13
N LEU A 392 -5.62 -39.59 -9.39
CA LEU A 392 -5.38 -39.75 -7.96
C LEU A 392 -4.16 -40.62 -7.69
N ALA A 393 -3.75 -41.44 -8.65
CA ALA A 393 -2.58 -42.30 -8.46
C ALA A 393 -1.31 -41.48 -8.30
N ALA A 394 -1.29 -40.28 -8.87
CA ALA A 394 -0.15 -39.36 -8.77
C ALA A 394 1.13 -40.01 -9.30
#